data_1M2P
#
_entry.id   1M2P
#
_cell.length_a   142.090
_cell.length_b   60.550
_cell.length_c   44.980
_cell.angle_alpha   90.00
_cell.angle_beta   102.84
_cell.angle_gamma   90.00
#
_symmetry.space_group_name_H-M   'C 1 2 1'
#
loop_
_entity.id
_entity.type
_entity.pdbx_description
1 polymer 'Casein kinase II, alpha chain'
2 non-polymer 1,8-DI-HYDROXY-4-NITRO-ANTHRAQUINONE
3 water water
#
_entity_poly.entity_id   1
_entity_poly.type   'polypeptide(L)'
_entity_poly.pdbx_seq_one_letter_code
;SKARVYADVNVLRPKEYWDYEALTVQWGEQDDYEVVRKVGRGKYSEVFEGINVNNNEKCIIKILKPVKKKKIKREIKILQ
NLCGGPNIVKLLDIVRDQHSKTPSLIFEYVNNTDFKVLYPTLTDYDIRYYIYELLKALDYCHSQGIMHRDVKPHNVMIDH
ELRKLRLIDWGLAEFYHPGKEYNVRVASRYFKGPELLVDLQDYDYSLDMWSLGCMFAGMIFRKEPFFYGHDNHDQLVKIA
KVLGTDGLNVYLNKYRIELDPQLEALVGRHSRKPWLKFMNADNQHLVSPEAIDFLDKLLRYDHQERLTALEAMTHPYFQQ
VRAAE
;
_entity_poly.pdbx_strand_id   A
#
# COMPACT_ATOMS: atom_id res chain seq x y z
N SER A 1 -7.45 -18.85 -8.11
CA SER A 1 -6.74 -17.69 -8.68
C SER A 1 -5.30 -17.62 -8.21
N LYS A 2 -4.40 -17.22 -9.11
CA LYS A 2 -3.00 -17.06 -8.80
C LYS A 2 -2.45 -15.80 -9.48
N ALA A 3 -1.34 -15.29 -8.95
CA ALA A 3 -0.70 -14.10 -9.49
C ALA A 3 -0.28 -14.44 -10.91
N ARG A 4 -0.31 -13.45 -11.79
CA ARG A 4 0.10 -13.62 -13.17
C ARG A 4 1.62 -13.41 -13.29
N VAL A 5 2.23 -12.90 -12.23
CA VAL A 5 3.67 -12.66 -12.19
C VAL A 5 4.25 -12.96 -10.77
N TYR A 6 5.55 -13.24 -10.73
CA TYR A 6 6.26 -13.55 -9.48
C TYR A 6 5.59 -14.60 -8.61
N ALA A 7 4.75 -15.45 -9.19
CA ALA A 7 4.03 -16.48 -8.44
C ALA A 7 4.89 -17.51 -7.68
N ASP A 8 6.07 -17.86 -8.23
CA ASP A 8 6.94 -18.87 -7.63
C ASP A 8 8.14 -18.34 -6.84
N VAL A 9 8.13 -17.06 -6.50
CA VAL A 9 9.24 -16.49 -5.77
C VAL A 9 9.54 -17.22 -4.47
N ASN A 10 8.51 -17.43 -3.66
CA ASN A 10 8.67 -18.11 -2.37
C ASN A 10 8.76 -19.62 -2.54
N VAL A 11 8.34 -20.13 -3.69
CA VAL A 11 8.40 -21.56 -3.98
C VAL A 11 9.86 -21.96 -4.24
N LEU A 12 10.64 -21.06 -4.84
CA LEU A 12 12.04 -21.31 -5.18
C LEU A 12 13.04 -20.90 -4.11
N ARG A 13 12.61 -20.06 -3.19
CA ARG A 13 13.49 -19.63 -2.12
C ARG A 13 13.38 -20.52 -0.89
N PRO A 14 14.51 -20.66 -0.14
CA PRO A 14 14.54 -21.49 1.07
C PRO A 14 13.47 -21.12 2.09
N LYS A 15 13.01 -22.12 2.84
CA LYS A 15 11.95 -21.94 3.82
C LYS A 15 12.21 -20.82 4.81
N GLU A 16 13.47 -20.63 5.18
CA GLU A 16 13.82 -19.57 6.12
C GLU A 16 13.41 -18.18 5.61
N TYR A 17 13.47 -17.96 4.29
CA TYR A 17 13.11 -16.67 3.69
C TYR A 17 11.69 -16.22 4.04
N TRP A 18 10.73 -17.12 3.89
CA TRP A 18 9.34 -16.78 4.18
C TRP A 18 8.76 -17.37 5.49
N ASP A 19 9.44 -18.34 6.08
CA ASP A 19 8.96 -18.91 7.33
C ASP A 19 9.30 -17.94 8.46
N TYR A 20 8.52 -16.87 8.58
CA TYR A 20 8.75 -15.87 9.60
C TYR A 20 8.46 -16.34 11.03
N GLU A 21 7.52 -17.26 11.18
CA GLU A 21 7.19 -17.79 12.51
C GLU A 21 8.42 -18.45 13.14
N ALA A 22 9.38 -18.88 12.33
CA ALA A 22 10.58 -19.53 12.84
C ALA A 22 11.71 -18.54 13.09
N LEU A 23 11.38 -17.25 13.15
CA LEU A 23 12.38 -16.22 13.38
C LEU A 23 12.67 -16.05 14.88
N THR A 24 13.93 -15.83 15.20
CA THR A 24 14.31 -15.59 16.59
C THR A 24 15.04 -14.26 16.57
N VAL A 25 14.34 -13.24 17.05
CA VAL A 25 14.83 -11.87 17.08
C VAL A 25 16.12 -11.69 17.88
N GLN A 26 17.06 -10.97 17.27
CA GLN A 26 18.33 -10.63 17.87
C GLN A 26 18.16 -9.22 18.43
N TRP A 27 17.70 -9.14 19.67
CA TRP A 27 17.46 -7.85 20.30
C TRP A 27 18.72 -7.01 20.50
N GLY A 28 18.66 -5.76 20.06
CA GLY A 28 19.80 -4.88 20.20
C GLY A 28 19.80 -4.14 21.53
N GLU A 29 20.44 -2.97 21.57
CA GLU A 29 20.53 -2.15 22.79
C GLU A 29 19.54 -0.99 22.82
N GLN A 30 18.58 -1.06 23.73
CA GLN A 30 17.55 -0.03 23.88
C GLN A 30 18.11 1.35 24.24
N ASP A 31 19.27 1.37 24.90
CA ASP A 31 19.88 2.64 25.28
C ASP A 31 20.53 3.39 24.13
N ASP A 32 20.71 2.69 23.00
CA ASP A 32 21.33 3.33 21.84
C ASP A 32 20.45 4.38 21.19
N TYR A 33 19.14 4.31 21.46
CA TYR A 33 18.21 5.25 20.83
C TYR A 33 17.33 6.03 21.80
N GLU A 34 17.27 7.34 21.58
CA GLU A 34 16.48 8.22 22.42
C GLU A 34 15.37 8.91 21.63
N VAL A 35 14.21 9.00 22.24
CA VAL A 35 13.07 9.68 21.64
C VAL A 35 13.32 11.19 21.72
N VAL A 36 13.03 11.90 20.64
CA VAL A 36 13.21 13.34 20.62
C VAL A 36 11.85 14.01 20.53
N ARG A 37 10.98 13.46 19.70
CA ARG A 37 9.66 14.02 19.52
C ARG A 37 8.74 13.05 18.78
N LYS A 38 7.46 13.07 19.13
CA LYS A 38 6.51 12.20 18.47
C LYS A 38 6.21 12.80 17.10
N VAL A 39 5.91 11.95 16.12
CA VAL A 39 5.60 12.42 14.77
C VAL A 39 4.41 11.69 14.14
N GLY A 40 3.93 10.64 14.78
CA GLY A 40 2.81 9.93 14.22
C GLY A 40 2.21 8.89 15.14
N ARG A 41 1.16 8.24 14.68
CA ARG A 41 0.50 7.21 15.48
C ARG A 41 -0.51 6.44 14.66
N GLY A 42 -0.77 5.20 15.08
CA GLY A 42 -1.72 4.36 14.37
C GLY A 42 -2.28 3.41 15.40
N LYS A 43 -3.29 2.63 15.02
CA LYS A 43 -3.90 1.70 15.96
C LYS A 43 -2.95 0.61 16.43
N TYR A 44 -1.81 0.48 15.76
CA TYR A 44 -0.84 -0.56 16.14
C TYR A 44 0.51 -0.03 16.63
N SER A 45 0.70 1.28 16.62
CA SER A 45 1.98 1.81 17.06
C SER A 45 2.04 3.33 17.20
N GLU A 46 3.14 3.80 17.80
CA GLU A 46 3.43 5.21 18.00
C GLU A 46 4.81 5.47 17.40
N VAL A 47 4.92 6.56 16.66
CA VAL A 47 6.17 6.87 16.00
C VAL A 47 6.84 8.16 16.43
N PHE A 48 8.14 8.08 16.67
CA PHE A 48 8.91 9.21 17.13
C PHE A 48 10.18 9.46 16.34
N GLU A 49 10.58 10.73 16.30
CA GLU A 49 11.83 11.09 15.65
C GLU A 49 12.80 10.81 16.79
N GLY A 50 13.89 10.12 16.50
CA GLY A 50 14.82 9.79 17.56
C GLY A 50 16.23 10.17 17.19
N ILE A 51 17.16 9.76 18.04
CA ILE A 51 18.57 10.00 17.83
C ILE A 51 19.40 8.79 18.29
N ASN A 52 20.33 8.39 17.44
CA ASN A 52 21.23 7.29 17.75
C ASN A 52 22.31 7.94 18.62
N VAL A 53 22.37 7.53 19.88
CA VAL A 53 23.33 8.10 20.83
C VAL A 53 24.81 7.91 20.49
N ASN A 54 25.11 6.79 19.82
CA ASN A 54 26.48 6.50 19.44
C ASN A 54 27.02 7.48 18.40
N ASN A 55 26.26 7.73 17.34
CA ASN A 55 26.71 8.63 16.28
C ASN A 55 25.89 9.91 16.14
N ASN A 56 24.95 10.12 17.06
CA ASN A 56 24.12 11.32 17.05
C ASN A 56 23.36 11.48 15.74
N GLU A 57 23.10 10.35 15.09
CA GLU A 57 22.39 10.32 13.82
C GLU A 57 20.88 10.27 14.09
N LYS A 58 20.11 11.04 13.33
CA LYS A 58 18.67 11.03 13.51
C LYS A 58 18.16 9.66 13.07
N CYS A 59 17.01 9.24 13.59
CA CYS A 59 16.41 7.96 13.22
C CYS A 59 14.93 8.02 13.52
N ILE A 60 14.24 6.93 13.21
CA ILE A 60 12.80 6.84 13.46
C ILE A 60 12.56 5.69 14.43
N ILE A 61 11.81 5.97 15.48
CA ILE A 61 11.53 4.96 16.49
C ILE A 61 10.05 4.62 16.50
N LYS A 62 9.72 3.40 16.08
CA LYS A 62 8.35 2.90 16.00
C LYS A 62 8.10 1.97 17.19
N ILE A 63 7.41 2.47 18.20
CA ILE A 63 7.11 1.66 19.39
C ILE A 63 5.81 0.94 19.13
N LEU A 64 5.87 -0.39 19.11
CA LEU A 64 4.68 -1.20 18.83
C LEU A 64 3.73 -1.39 20.02
N LYS A 65 2.43 -1.34 19.71
CA LYS A 65 1.39 -1.55 20.71
C LYS A 65 1.25 -3.05 20.89
N PRO A 66 0.77 -3.50 22.06
CA PRO A 66 0.62 -4.92 22.31
C PRO A 66 -0.09 -5.71 21.19
N VAL A 67 0.61 -6.71 20.66
CA VAL A 67 0.06 -7.55 19.60
C VAL A 67 0.73 -8.93 19.62
N LYS A 68 0.11 -9.89 18.94
CA LYS A 68 0.61 -11.27 18.88
C LYS A 68 2.04 -11.36 18.36
N LYS A 69 2.81 -12.24 18.98
CA LYS A 69 4.22 -12.44 18.64
C LYS A 69 4.43 -12.73 17.17
N LYS A 70 3.49 -13.47 16.58
CA LYS A 70 3.56 -13.87 15.18
C LYS A 70 3.55 -12.65 14.25
N LYS A 71 2.65 -11.71 14.53
CA LYS A 71 2.53 -10.50 13.73
C LYS A 71 3.81 -9.68 13.75
N ILE A 72 4.46 -9.62 14.91
CA ILE A 72 5.71 -8.87 15.05
C ILE A 72 6.88 -9.52 14.30
N LYS A 73 6.96 -10.85 14.31
CA LYS A 73 8.01 -11.57 13.58
C LYS A 73 7.78 -11.40 12.09
N ARG A 74 6.50 -11.37 11.70
CA ARG A 74 6.13 -11.16 10.30
C ARG A 74 6.67 -9.81 9.79
N GLU A 75 6.34 -8.71 10.49
CA GLU A 75 6.79 -7.40 10.04
C GLU A 75 8.29 -7.30 9.98
N ILE A 76 8.98 -7.87 10.99
CA ILE A 76 10.45 -7.85 11.04
C ILE A 76 11.11 -8.61 9.88
N LYS A 77 10.62 -9.82 9.63
CA LYS A 77 11.16 -10.66 8.55
C LYS A 77 11.00 -9.98 7.20
N ILE A 78 9.83 -9.43 6.94
CA ILE A 78 9.60 -8.77 5.68
C ILE A 78 10.52 -7.56 5.51
N LEU A 79 10.73 -6.84 6.61
CA LEU A 79 11.60 -5.66 6.60
C LEU A 79 13.05 -6.05 6.31
N GLN A 80 13.47 -7.17 6.87
CA GLN A 80 14.83 -7.64 6.68
C GLN A 80 15.00 -8.11 5.26
N ASN A 81 13.95 -8.70 4.69
CA ASN A 81 13.98 -9.20 3.31
C ASN A 81 13.99 -8.08 2.27
N LEU A 82 13.30 -6.97 2.55
CA LEU A 82 13.24 -5.86 1.62
C LEU A 82 14.32 -4.79 1.82
N CYS A 83 14.96 -4.74 2.98
CA CYS A 83 16.02 -3.73 3.24
C CYS A 83 16.99 -3.56 2.06
N GLY A 84 17.13 -2.33 1.59
CA GLY A 84 18.01 -2.04 0.46
C GLY A 84 17.28 -1.87 -0.87
N GLY A 85 16.03 -2.32 -0.93
CA GLY A 85 15.29 -2.17 -2.16
C GLY A 85 14.94 -0.71 -2.43
N PRO A 86 14.58 -0.35 -3.67
CA PRO A 86 14.24 1.03 -4.02
C PRO A 86 13.05 1.63 -3.26
N ASN A 87 13.30 2.72 -2.54
CA ASN A 87 12.25 3.41 -1.80
C ASN A 87 11.56 2.62 -0.69
N ILE A 88 12.23 1.60 -0.17
CA ILE A 88 11.63 0.80 0.91
C ILE A 88 12.25 1.32 2.22
N VAL A 89 11.42 1.71 3.18
CA VAL A 89 11.94 2.18 4.46
C VAL A 89 13.00 1.16 4.93
N LYS A 90 14.07 1.65 5.56
CA LYS A 90 15.15 0.79 6.02
C LYS A 90 15.17 0.51 7.52
N LEU A 91 15.02 -0.77 7.89
CA LEU A 91 15.04 -1.18 9.29
C LEU A 91 16.51 -1.25 9.73
N LEU A 92 16.85 -0.43 10.72
CA LEU A 92 18.22 -0.37 11.22
C LEU A 92 18.54 -1.22 12.45
N ASP A 93 17.54 -1.37 13.33
CA ASP A 93 17.73 -2.14 14.56
C ASP A 93 16.37 -2.49 15.18
N ILE A 94 16.39 -3.42 16.13
CA ILE A 94 15.20 -3.87 16.83
C ILE A 94 15.59 -3.98 18.30
N VAL A 95 14.88 -3.24 19.15
CA VAL A 95 15.11 -3.25 20.58
C VAL A 95 13.82 -3.44 21.38
N ARG A 96 13.96 -3.62 22.68
CA ARG A 96 12.79 -3.83 23.53
C ARG A 96 13.03 -3.29 24.93
N ASP A 97 11.95 -2.78 25.53
CA ASP A 97 11.98 -2.27 26.90
C ASP A 97 12.22 -3.47 27.80
N GLN A 98 13.29 -3.43 28.60
CA GLN A 98 13.61 -4.55 29.46
C GLN A 98 12.49 -4.97 30.42
N HIS A 99 11.88 -4.01 31.12
CA HIS A 99 10.82 -4.30 32.09
C HIS A 99 9.48 -4.81 31.51
N SER A 100 8.98 -4.17 30.47
CA SER A 100 7.71 -4.59 29.89
C SER A 100 7.86 -5.35 28.57
N LYS A 101 9.08 -5.35 28.05
CA LYS A 101 9.39 -6.01 26.79
C LYS A 101 8.63 -5.40 25.63
N THR A 102 8.42 -4.08 25.69
CA THR A 102 7.72 -3.39 24.61
C THR A 102 8.71 -3.24 23.47
N PRO A 103 8.35 -3.72 22.27
CA PRO A 103 9.23 -3.65 21.10
C PRO A 103 9.26 -2.31 20.37
N SER A 104 10.46 -1.98 19.88
CA SER A 104 10.69 -0.76 19.10
C SER A 104 11.47 -1.13 17.85
N LEU A 105 10.99 -0.71 16.69
CA LEU A 105 11.67 -0.97 15.43
C LEU A 105 12.36 0.33 15.08
N ILE A 106 13.67 0.26 14.84
CA ILE A 106 14.44 1.46 14.55
C ILE A 106 14.68 1.53 13.04
N PHE A 107 14.31 2.66 12.45
CA PHE A 107 14.45 2.88 11.01
C PHE A 107 15.36 4.07 10.69
N GLU A 108 15.70 4.22 9.41
CA GLU A 108 16.53 5.35 9.03
C GLU A 108 15.57 6.54 9.10
N TYR A 109 16.09 7.71 9.37
CA TYR A 109 15.24 8.89 9.48
C TYR A 109 14.52 9.20 8.18
N VAL A 110 13.24 9.55 8.31
CA VAL A 110 12.43 9.89 7.17
C VAL A 110 11.74 11.23 7.41
N ASN A 111 11.94 12.18 6.49
CA ASN A 111 11.28 13.48 6.60
C ASN A 111 9.92 13.34 5.90
N ASN A 112 8.90 14.02 6.41
CA ASN A 112 7.59 13.89 5.81
C ASN A 112 6.69 15.11 5.95
N THR A 113 5.76 15.25 5.01
CA THR A 113 4.77 16.33 5.01
C THR A 113 3.42 15.66 4.78
N ASP A 114 2.52 15.78 5.76
CA ASP A 114 1.19 15.18 5.64
C ASP A 114 0.62 15.43 4.25
N PHE A 115 0.08 14.38 3.64
CA PHE A 115 -0.53 14.47 2.31
C PHE A 115 -1.67 15.49 2.18
N LYS A 116 -2.46 15.70 3.23
CA LYS A 116 -3.57 16.67 3.14
C LYS A 116 -3.07 18.09 2.89
N VAL A 117 -1.79 18.33 3.14
CA VAL A 117 -1.23 19.66 2.92
C VAL A 117 -0.24 19.65 1.75
N LEU A 118 0.44 18.52 1.53
CA LEU A 118 1.41 18.38 0.44
C LEU A 118 0.77 18.22 -0.94
N TYR A 119 -0.11 17.24 -1.05
CA TYR A 119 -0.77 16.93 -2.31
C TYR A 119 -1.36 18.10 -3.07
N PRO A 120 -2.05 19.03 -2.38
CA PRO A 120 -2.63 20.19 -3.08
C PRO A 120 -1.61 21.05 -3.85
N THR A 121 -0.35 20.96 -3.46
CA THR A 121 0.72 21.75 -4.06
C THR A 121 1.50 21.03 -5.17
N LEU A 122 1.21 19.76 -5.35
CA LEU A 122 1.88 18.98 -6.38
C LEU A 122 1.43 19.38 -7.79
N THR A 123 2.42 19.50 -8.66
CA THR A 123 2.14 19.85 -10.04
C THR A 123 1.87 18.57 -10.82
N ASP A 124 1.38 18.72 -12.04
CA ASP A 124 1.08 17.59 -12.90
C ASP A 124 2.28 16.64 -12.94
N TYR A 125 3.48 17.20 -13.10
CA TYR A 125 4.71 16.39 -13.16
C TYR A 125 5.08 15.77 -11.82
N ASP A 126 4.89 16.49 -10.71
CA ASP A 126 5.22 15.92 -9.39
C ASP A 126 4.50 14.60 -9.16
N ILE A 127 3.22 14.59 -9.53
CA ILE A 127 2.37 13.43 -9.38
C ILE A 127 2.91 12.25 -10.16
N ARG A 128 3.35 12.49 -11.39
CA ARG A 128 3.91 11.45 -12.25
C ARG A 128 5.19 10.93 -11.61
N TYR A 129 6.02 11.86 -11.16
CA TYR A 129 7.29 11.53 -10.52
C TYR A 129 7.15 10.70 -9.23
N TYR A 130 6.31 11.12 -8.30
CA TYR A 130 6.13 10.39 -7.05
C TYR A 130 5.43 9.05 -7.19
N ILE A 131 4.43 8.96 -8.06
CA ILE A 131 3.75 7.67 -8.27
C ILE A 131 4.76 6.67 -8.89
N TYR A 132 5.63 7.15 -9.78
CA TYR A 132 6.64 6.31 -10.41
C TYR A 132 7.56 5.77 -9.33
N GLU A 133 7.94 6.64 -8.39
CA GLU A 133 8.81 6.28 -7.28
C GLU A 133 8.15 5.21 -6.41
N LEU A 134 6.85 5.35 -6.21
CA LEU A 134 6.09 4.38 -5.40
C LEU A 134 6.04 3.04 -6.14
N LEU A 135 5.86 3.08 -7.46
CA LEU A 135 5.80 1.87 -8.28
C LEU A 135 7.08 1.05 -8.24
N LYS A 136 8.22 1.72 -8.06
CA LYS A 136 9.53 1.05 -7.93
C LYS A 136 9.49 0.19 -6.67
N ALA A 137 9.03 0.78 -5.57
CA ALA A 137 8.90 0.11 -4.29
C ALA A 137 7.96 -1.09 -4.40
N LEU A 138 6.83 -0.93 -5.10
CA LEU A 138 5.84 -2.00 -5.26
C LEU A 138 6.34 -3.11 -6.19
N ASP A 139 7.00 -2.75 -7.29
CA ASP A 139 7.50 -3.81 -8.17
C ASP A 139 8.54 -4.61 -7.42
N TYR A 140 9.37 -3.90 -6.64
CA TYR A 140 10.41 -4.57 -5.86
C TYR A 140 9.83 -5.57 -4.83
N CYS A 141 8.94 -5.10 -3.95
CA CYS A 141 8.42 -6.00 -2.93
C CYS A 141 7.68 -7.18 -3.54
N HIS A 142 6.99 -6.96 -4.65
CA HIS A 142 6.28 -8.05 -5.33
C HIS A 142 7.29 -9.03 -5.92
N SER A 143 8.37 -8.50 -6.50
CA SER A 143 9.44 -9.34 -7.08
C SER A 143 10.11 -10.19 -5.99
N GLN A 144 9.95 -9.79 -4.73
CA GLN A 144 10.52 -10.51 -3.58
C GLN A 144 9.45 -11.37 -2.87
N GLY A 145 8.32 -11.60 -3.53
CA GLY A 145 7.28 -12.42 -2.94
C GLY A 145 6.45 -11.84 -1.81
N ILE A 146 6.29 -10.51 -1.78
CA ILE A 146 5.54 -9.86 -0.72
C ILE A 146 4.50 -8.84 -1.20
N MET A 147 3.33 -8.87 -0.56
CA MET A 147 2.22 -7.95 -0.81
C MET A 147 2.20 -6.96 0.35
N HIS A 148 2.20 -5.66 0.07
CA HIS A 148 2.19 -4.68 1.15
C HIS A 148 0.86 -4.71 1.91
N ARG A 149 -0.22 -4.80 1.14
CA ARG A 149 -1.58 -4.89 1.67
C ARG A 149 -2.11 -3.69 2.44
N ASP A 150 -1.45 -2.55 2.35
CA ASP A 150 -1.98 -1.38 3.03
C ASP A 150 -1.46 -0.12 2.37
N VAL A 151 -1.45 -0.12 1.04
CA VAL A 151 -1.01 1.06 0.30
C VAL A 151 -2.04 2.19 0.46
N LYS A 152 -1.57 3.37 0.87
CA LYS A 152 -2.41 4.54 1.05
C LYS A 152 -1.49 5.74 1.27
N PRO A 153 -2.01 6.97 1.09
CA PRO A 153 -1.17 8.16 1.30
C PRO A 153 -0.42 8.19 2.63
N HIS A 154 -1.13 7.85 3.72
CA HIS A 154 -0.55 7.83 5.06
C HIS A 154 0.68 6.93 5.14
N ASN A 155 0.78 5.93 4.27
CA ASN A 155 1.92 5.01 4.28
C ASN A 155 2.97 5.26 3.21
N VAL A 156 2.91 6.46 2.63
CA VAL A 156 3.85 6.89 1.60
C VAL A 156 4.46 8.22 2.07
N MET A 157 5.62 8.11 2.70
CA MET A 157 6.31 9.29 3.21
C MET A 157 7.02 10.00 2.08
N ILE A 158 6.88 11.31 2.04
CA ILE A 158 7.52 12.12 1.01
C ILE A 158 8.25 13.33 1.60
N ASP A 159 9.50 13.50 1.16
CA ASP A 159 10.33 14.64 1.55
C ASP A 159 10.35 15.46 0.28
N HIS A 160 9.36 16.33 0.12
CA HIS A 160 9.21 17.15 -1.09
C HIS A 160 10.43 18.00 -1.39
N GLU A 161 11.07 18.53 -0.35
CA GLU A 161 12.25 19.36 -0.58
C GLU A 161 13.32 18.55 -1.31
N LEU A 162 13.56 17.33 -0.84
CA LEU A 162 14.56 16.48 -1.46
C LEU A 162 13.97 15.53 -2.49
N ARG A 163 12.66 15.61 -2.69
CA ARG A 163 11.95 14.77 -3.65
C ARG A 163 12.35 13.31 -3.44
N LYS A 164 12.15 12.83 -2.21
CA LYS A 164 12.49 11.47 -1.80
C LYS A 164 11.23 10.78 -1.26
N LEU A 165 11.02 9.53 -1.69
CA LEU A 165 9.85 8.76 -1.30
C LEU A 165 10.19 7.42 -0.66
N ARG A 166 9.40 7.06 0.35
CA ARG A 166 9.56 5.81 1.06
C ARG A 166 8.20 5.21 1.36
N LEU A 167 8.07 3.90 1.10
CA LEU A 167 6.86 3.12 1.41
C LEU A 167 7.11 2.57 2.82
N ILE A 168 6.22 2.93 3.74
CA ILE A 168 6.31 2.56 5.14
C ILE A 168 5.20 1.65 5.64
N ASP A 169 5.27 1.34 6.94
CA ASP A 169 4.35 0.46 7.67
C ASP A 169 4.02 -0.88 7.01
N TRP A 170 4.95 -1.82 7.16
CA TRP A 170 4.82 -3.16 6.64
C TRP A 170 4.20 -4.10 7.67
N GLY A 171 3.42 -3.53 8.59
CA GLY A 171 2.77 -4.31 9.61
C GLY A 171 1.62 -5.18 9.12
N LEU A 172 1.10 -4.92 7.91
CA LEU A 172 0.01 -5.72 7.36
C LEU A 172 0.46 -6.52 6.15
N ALA A 173 1.75 -6.41 5.79
CA ALA A 173 2.30 -7.11 4.63
C ALA A 173 2.31 -8.62 4.86
N GLU A 174 2.29 -9.39 3.77
CA GLU A 174 2.34 -10.87 3.83
C GLU A 174 3.13 -11.45 2.65
N PHE A 175 3.54 -12.71 2.78
CA PHE A 175 4.25 -13.39 1.70
C PHE A 175 3.21 -14.03 0.81
N TYR A 176 3.39 -13.94 -0.51
CA TYR A 176 2.47 -14.57 -1.45
C TYR A 176 2.82 -16.04 -1.75
N HIS A 177 1.83 -16.91 -1.58
CA HIS A 177 1.98 -18.34 -1.85
C HIS A 177 0.79 -18.73 -2.71
N PRO A 178 1.04 -19.29 -3.91
CA PRO A 178 -0.04 -19.70 -4.80
C PRO A 178 -1.13 -20.53 -4.11
N GLY A 179 -2.38 -20.14 -4.31
CA GLY A 179 -3.49 -20.87 -3.73
C GLY A 179 -3.86 -20.56 -2.29
N LYS A 180 -2.98 -19.91 -1.52
CA LYS A 180 -3.28 -19.62 -0.12
C LYS A 180 -4.48 -18.69 -0.01
N GLU A 181 -5.33 -18.94 0.98
CA GLU A 181 -6.50 -18.10 1.21
C GLU A 181 -6.15 -17.20 2.40
N TYR A 182 -6.01 -15.90 2.10
CA TYR A 182 -5.64 -14.92 3.12
C TYR A 182 -6.84 -14.26 3.77
N ASN A 183 -6.55 -13.54 4.86
CA ASN A 183 -7.57 -12.81 5.61
C ASN A 183 -7.91 -11.60 4.74
N VAL A 184 -9.20 -11.30 4.58
CA VAL A 184 -9.62 -10.16 3.76
C VAL A 184 -9.66 -8.86 4.56
N ARG A 185 -9.48 -8.96 5.87
CA ARG A 185 -9.50 -7.78 6.73
C ARG A 185 -8.11 -7.12 6.80
N VAL A 186 -7.71 -6.51 5.68
CA VAL A 186 -6.42 -5.85 5.56
C VAL A 186 -6.63 -4.54 4.82
N ALA A 187 -5.56 -3.76 4.65
CA ALA A 187 -5.63 -2.47 4.00
C ALA A 187 -6.60 -1.58 4.76
N SER A 188 -6.82 -0.37 4.27
CA SER A 188 -7.72 0.57 4.93
C SER A 188 -8.98 0.64 4.09
N ARG A 189 -10.14 0.75 4.73
CA ARG A 189 -11.41 0.77 4.00
C ARG A 189 -11.55 1.47 2.64
N TYR A 190 -11.10 2.72 2.55
CA TYR A 190 -11.20 3.46 1.31
C TYR A 190 -10.31 2.93 0.20
N PHE A 191 -9.34 2.09 0.55
CA PHE A 191 -8.39 1.51 -0.41
C PHE A 191 -8.52 0.00 -0.56
N LYS A 192 -9.56 -0.60 0.02
CA LYS A 192 -9.78 -2.04 -0.09
C LYS A 192 -10.24 -2.39 -1.51
N GLY A 193 -9.60 -3.39 -2.09
CA GLY A 193 -9.97 -3.81 -3.43
C GLY A 193 -11.26 -4.62 -3.39
N PRO A 194 -12.00 -4.71 -4.51
CA PRO A 194 -13.25 -5.47 -4.61
C PRO A 194 -13.14 -6.91 -4.06
N GLU A 195 -11.96 -7.52 -4.24
CA GLU A 195 -11.72 -8.89 -3.76
C GLU A 195 -11.88 -8.96 -2.25
N LEU A 196 -11.44 -7.93 -1.54
CA LEU A 196 -11.57 -7.94 -0.09
C LEU A 196 -13.01 -7.70 0.34
N LEU A 197 -13.70 -6.84 -0.42
CA LEU A 197 -15.09 -6.49 -0.16
C LEU A 197 -16.08 -7.60 -0.48
N VAL A 198 -15.72 -8.54 -1.33
CA VAL A 198 -16.63 -9.63 -1.66
C VAL A 198 -16.13 -10.99 -1.17
N ASP A 199 -15.13 -10.97 -0.29
CA ASP A 199 -14.54 -12.15 0.32
C ASP A 199 -13.79 -13.15 -0.57
N LEU A 200 -13.05 -12.64 -1.55
CA LEU A 200 -12.24 -13.48 -2.42
C LEU A 200 -10.89 -13.56 -1.68
N GLN A 201 -10.66 -14.67 -0.99
CA GLN A 201 -9.45 -14.86 -0.19
C GLN A 201 -8.15 -15.18 -0.90
N ASP A 202 -8.23 -15.84 -2.05
CA ASP A 202 -7.00 -16.14 -2.79
C ASP A 202 -6.60 -14.96 -3.74
N TYR A 203 -6.29 -13.82 -3.12
CA TYR A 203 -5.86 -12.63 -3.86
C TYR A 203 -4.31 -12.59 -3.93
N ASP A 204 -3.76 -11.59 -4.60
CA ASP A 204 -2.31 -11.49 -4.74
C ASP A 204 -1.79 -10.05 -4.83
N TYR A 205 -0.56 -9.90 -5.31
CA TYR A 205 0.09 -8.60 -5.47
C TYR A 205 -0.85 -7.57 -6.10
N SER A 206 -1.69 -8.01 -7.03
CA SER A 206 -2.65 -7.12 -7.70
C SER A 206 -3.50 -6.28 -6.74
N LEU A 207 -3.59 -6.70 -5.48
CA LEU A 207 -4.40 -5.99 -4.50
C LEU A 207 -3.89 -4.59 -4.32
N ASP A 208 -2.57 -4.46 -4.27
CA ASP A 208 -1.88 -3.19 -4.05
C ASP A 208 -2.05 -2.24 -5.21
N MET A 209 -2.29 -2.80 -6.39
CA MET A 209 -2.48 -2.03 -7.62
C MET A 209 -3.83 -1.33 -7.62
N TRP A 210 -4.84 -1.90 -6.94
CA TRP A 210 -6.15 -1.27 -6.81
C TRP A 210 -5.99 -0.10 -5.84
N SER A 211 -5.43 -0.39 -4.66
CA SER A 211 -5.13 0.63 -3.63
C SER A 211 -4.37 1.80 -4.26
N LEU A 212 -3.35 1.50 -5.07
CA LEU A 212 -2.59 2.53 -5.75
C LEU A 212 -3.55 3.31 -6.66
N GLY A 213 -4.45 2.60 -7.34
CA GLY A 213 -5.42 3.21 -8.24
C GLY A 213 -6.29 4.23 -7.53
N CYS A 214 -6.74 3.87 -6.32
CA CYS A 214 -7.58 4.74 -5.49
C CYS A 214 -6.80 5.98 -5.11
N MET A 215 -5.56 5.79 -4.66
CA MET A 215 -4.71 6.89 -4.27
C MET A 215 -4.50 7.84 -5.47
N PHE A 216 -4.14 7.25 -6.61
CA PHE A 216 -3.93 8.02 -7.82
C PHE A 216 -5.16 8.81 -8.25
N ALA A 217 -6.32 8.16 -8.20
CA ALA A 217 -7.57 8.82 -8.57
C ALA A 217 -7.82 10.03 -7.67
N GLY A 218 -7.55 9.86 -6.37
CA GLY A 218 -7.74 10.96 -5.44
C GLY A 218 -6.84 12.13 -5.74
N MET A 219 -5.61 11.83 -6.20
CA MET A 219 -4.64 12.86 -6.53
C MET A 219 -4.98 13.66 -7.77
N ILE A 220 -5.27 12.99 -8.89
CA ILE A 220 -5.59 13.74 -10.11
C ILE A 220 -6.95 14.43 -10.11
N PHE A 221 -7.89 13.91 -9.32
CA PHE A 221 -9.24 14.48 -9.25
C PHE A 221 -9.46 15.35 -8.04
N ARG A 222 -8.48 15.42 -7.15
CA ARG A 222 -8.56 16.21 -5.91
C ARG A 222 -9.84 15.83 -5.14
N LYS A 223 -10.07 14.53 -4.99
CA LYS A 223 -11.24 14.02 -4.29
C LYS A 223 -10.71 12.91 -3.39
N GLU A 224 -10.36 13.29 -2.16
CA GLU A 224 -9.79 12.39 -1.16
C GLU A 224 -10.72 12.12 0.03
N PRO A 225 -11.10 10.84 0.25
CA PRO A 225 -10.74 9.70 -0.58
C PRO A 225 -11.67 9.65 -1.80
N PHE A 226 -11.19 9.00 -2.87
CA PHE A 226 -11.98 8.90 -4.09
C PHE A 226 -13.25 8.09 -3.86
N PHE A 227 -13.13 6.93 -3.21
CA PHE A 227 -14.26 6.06 -2.86
C PHE A 227 -14.45 6.21 -1.34
N TYR A 228 -15.42 7.02 -0.96
CA TYR A 228 -15.69 7.32 0.44
C TYR A 228 -16.85 6.52 1.03
N GLY A 229 -16.57 5.29 1.43
CA GLY A 229 -17.59 4.45 2.03
C GLY A 229 -17.50 4.50 3.55
N HIS A 230 -18.65 4.47 4.22
CA HIS A 230 -18.66 4.51 5.69
C HIS A 230 -18.27 3.17 6.32
N ASP A 231 -18.72 2.07 5.73
CA ASP A 231 -18.35 0.74 6.22
C ASP A 231 -18.09 -0.14 5.00
N ASN A 232 -17.56 -1.34 5.23
CA ASN A 232 -17.24 -2.26 4.12
C ASN A 232 -18.35 -2.45 3.10
N HIS A 233 -19.58 -2.65 3.56
CA HIS A 233 -20.71 -2.83 2.66
C HIS A 233 -20.90 -1.62 1.75
N ASP A 234 -20.88 -0.43 2.37
CA ASP A 234 -21.03 0.82 1.64
C ASP A 234 -19.84 1.09 0.69
N GLN A 235 -18.64 0.65 1.09
CA GLN A 235 -17.43 0.81 0.27
C GLN A 235 -17.62 0.19 -1.12
N LEU A 236 -18.27 -0.98 -1.19
CA LEU A 236 -18.53 -1.63 -2.46
C LEU A 236 -19.59 -0.83 -3.24
N VAL A 237 -20.61 -0.34 -2.55
CA VAL A 237 -21.66 0.45 -3.20
C VAL A 237 -21.06 1.66 -3.91
N LYS A 238 -20.24 2.42 -3.19
CA LYS A 238 -19.61 3.61 -3.77
C LYS A 238 -18.80 3.23 -5.01
N ILE A 239 -18.15 2.07 -4.95
CA ILE A 239 -17.37 1.59 -6.09
C ILE A 239 -18.28 1.21 -7.26
N ALA A 240 -19.36 0.49 -6.97
CA ALA A 240 -20.34 0.07 -7.97
C ALA A 240 -20.98 1.27 -8.68
N LYS A 241 -21.14 2.36 -7.92
CA LYS A 241 -21.73 3.59 -8.45
C LYS A 241 -20.83 4.25 -9.49
N VAL A 242 -19.55 3.88 -9.51
CA VAL A 242 -18.61 4.45 -10.47
C VAL A 242 -18.27 3.48 -11.61
N LEU A 243 -17.88 2.25 -11.30
CA LEU A 243 -17.52 1.30 -12.35
C LEU A 243 -18.71 0.59 -12.99
N GLY A 244 -19.88 0.70 -12.38
CA GLY A 244 -21.07 0.05 -12.91
C GLY A 244 -21.27 -1.37 -12.39
N THR A 245 -22.52 -1.77 -12.22
CA THR A 245 -22.84 -3.10 -11.71
C THR A 245 -22.58 -4.24 -12.71
N ASP A 246 -22.72 -3.96 -14.00
CA ASP A 246 -22.50 -5.00 -15.00
C ASP A 246 -21.13 -5.61 -14.84
N GLY A 247 -20.11 -4.75 -14.75
CA GLY A 247 -18.74 -5.20 -14.57
C GLY A 247 -18.59 -6.00 -13.29
N LEU A 248 -19.35 -5.61 -12.27
CA LEU A 248 -19.30 -6.31 -11.00
C LEU A 248 -19.84 -7.72 -11.14
N ASN A 249 -20.93 -7.85 -11.89
CA ASN A 249 -21.57 -9.14 -12.11
C ASN A 249 -20.71 -10.10 -12.92
N VAL A 250 -20.02 -9.57 -13.93
CA VAL A 250 -19.12 -10.36 -14.75
C VAL A 250 -18.03 -10.95 -13.86
N TYR A 251 -17.52 -10.10 -12.98
CA TYR A 251 -16.47 -10.44 -12.01
C TYR A 251 -16.89 -11.55 -11.04
N LEU A 252 -18.04 -11.36 -10.41
CA LEU A 252 -18.57 -12.32 -9.45
C LEU A 252 -18.85 -13.70 -10.05
N ASN A 253 -19.31 -13.71 -11.29
CA ASN A 253 -19.60 -14.98 -11.91
C ASN A 253 -18.33 -15.72 -12.31
N LYS A 254 -17.33 -14.97 -12.75
CA LYS A 254 -16.04 -15.55 -13.15
C LYS A 254 -15.36 -16.28 -11.99
N TYR A 255 -15.45 -15.69 -10.80
CA TYR A 255 -14.83 -16.28 -9.62
C TYR A 255 -15.82 -17.06 -8.75
N ARG A 256 -17.04 -17.23 -9.26
CA ARG A 256 -18.09 -17.97 -8.55
C ARG A 256 -18.31 -17.45 -7.13
N ILE A 257 -18.44 -16.13 -7.02
CA ILE A 257 -18.64 -15.48 -5.74
C ILE A 257 -20.11 -15.25 -5.44
N GLU A 258 -20.51 -15.53 -4.21
CA GLU A 258 -21.89 -15.34 -3.79
C GLU A 258 -21.99 -14.07 -2.96
N LEU A 259 -22.69 -13.07 -3.48
CA LEU A 259 -22.86 -11.81 -2.76
C LEU A 259 -23.94 -11.95 -1.70
N ASP A 260 -23.62 -11.54 -0.47
CA ASP A 260 -24.55 -11.61 0.65
C ASP A 260 -25.82 -10.88 0.23
N PRO A 261 -26.99 -11.53 0.43
CA PRO A 261 -28.29 -10.96 0.07
C PRO A 261 -28.44 -9.49 0.43
N GLN A 262 -28.08 -9.14 1.66
CA GLN A 262 -28.16 -7.76 2.15
C GLN A 262 -27.27 -6.85 1.31
N LEU A 263 -25.99 -7.20 1.23
CA LEU A 263 -25.01 -6.46 0.44
C LEU A 263 -25.49 -6.34 -1.02
N GLU A 264 -25.87 -7.45 -1.62
CA GLU A 264 -26.36 -7.43 -2.99
C GLU A 264 -27.48 -6.41 -3.13
N ALA A 265 -28.33 -6.31 -2.12
CA ALA A 265 -29.43 -5.38 -2.12
C ALA A 265 -28.94 -3.93 -2.13
N LEU A 266 -27.91 -3.65 -1.34
CA LEU A 266 -27.35 -2.30 -1.25
C LEU A 266 -26.71 -1.82 -2.54
N VAL A 267 -25.96 -2.70 -3.20
CA VAL A 267 -25.28 -2.36 -4.44
C VAL A 267 -26.24 -1.82 -5.51
N GLY A 268 -27.33 -2.53 -5.74
CA GLY A 268 -28.32 -2.11 -6.73
C GLY A 268 -28.02 -2.41 -8.20
N ARG A 269 -28.26 -1.41 -9.04
CA ARG A 269 -28.01 -1.52 -10.47
C ARG A 269 -27.56 -0.13 -10.90
N HIS A 270 -26.32 -0.01 -11.38
CA HIS A 270 -25.81 1.29 -11.78
C HIS A 270 -25.05 1.24 -13.09
N SER A 271 -25.13 2.31 -13.86
CA SER A 271 -24.42 2.39 -15.12
C SER A 271 -23.02 2.89 -14.77
N ARG A 272 -22.11 2.80 -15.73
CA ARG A 272 -20.76 3.25 -15.51
C ARG A 272 -20.65 4.77 -15.61
N LYS A 273 -19.84 5.37 -14.74
CA LYS A 273 -19.63 6.81 -14.77
C LYS A 273 -18.25 7.05 -15.36
N PRO A 274 -18.18 7.61 -16.59
CA PRO A 274 -16.90 7.88 -17.26
C PRO A 274 -15.96 8.71 -16.39
N TRP A 275 -14.68 8.42 -16.47
CA TRP A 275 -13.69 9.15 -15.67
C TRP A 275 -13.72 10.67 -15.89
N LEU A 276 -13.95 11.10 -17.13
CA LEU A 276 -14.00 12.52 -17.44
C LEU A 276 -15.11 13.26 -16.70
N LYS A 277 -16.11 12.51 -16.24
CA LYS A 277 -17.22 13.06 -15.48
C LYS A 277 -16.74 13.60 -14.14
N PHE A 278 -15.52 13.23 -13.77
CA PHE A 278 -14.93 13.66 -12.51
C PHE A 278 -14.06 14.91 -12.63
N MET A 279 -13.82 15.38 -13.85
CA MET A 279 -13.00 16.57 -14.05
C MET A 279 -13.79 17.81 -13.76
N ASN A 280 -13.15 18.78 -13.09
CA ASN A 280 -13.78 20.04 -12.75
C ASN A 280 -12.73 21.13 -12.62
N ALA A 281 -13.17 22.38 -12.43
CA ALA A 281 -12.26 23.51 -12.31
C ALA A 281 -11.08 23.32 -11.36
N ASP A 282 -11.29 22.57 -10.29
CA ASP A 282 -10.24 22.33 -9.30
C ASP A 282 -9.20 21.31 -9.72
N ASN A 283 -9.55 20.44 -10.67
CA ASN A 283 -8.60 19.41 -11.08
C ASN A 283 -8.27 19.38 -12.57
N GLN A 284 -8.81 20.31 -13.34
CA GLN A 284 -8.54 20.36 -14.77
C GLN A 284 -7.06 20.39 -15.15
N HIS A 285 -6.24 20.99 -14.30
CA HIS A 285 -4.80 21.09 -14.52
C HIS A 285 -4.05 19.77 -14.32
N LEU A 286 -4.73 18.77 -13.72
CA LEU A 286 -4.11 17.45 -13.46
C LEU A 286 -4.71 16.29 -14.25
N VAL A 287 -5.88 16.51 -14.84
CA VAL A 287 -6.53 15.47 -15.62
C VAL A 287 -6.10 15.59 -17.08
N SER A 288 -5.45 14.53 -17.58
CA SER A 288 -4.98 14.43 -18.97
C SER A 288 -5.40 13.05 -19.48
N PRO A 289 -5.52 12.89 -20.81
CA PRO A 289 -5.91 11.58 -21.36
C PRO A 289 -4.96 10.44 -20.96
N GLU A 290 -3.67 10.73 -20.83
CA GLU A 290 -2.74 9.68 -20.39
C GLU A 290 -2.98 9.30 -18.92
N ALA A 291 -3.37 10.27 -18.09
CA ALA A 291 -3.65 10.03 -16.68
C ALA A 291 -4.89 9.16 -16.55
N ILE A 292 -5.90 9.50 -17.36
CA ILE A 292 -7.16 8.75 -17.38
C ILE A 292 -6.96 7.31 -17.88
N ASP A 293 -6.14 7.13 -18.92
CA ASP A 293 -5.87 5.78 -19.45
C ASP A 293 -5.12 4.96 -18.42
N PHE A 294 -4.14 5.57 -17.75
CA PHE A 294 -3.40 4.85 -16.74
C PHE A 294 -4.36 4.39 -15.61
N LEU A 295 -5.07 5.34 -14.99
CA LEU A 295 -6.04 5.09 -13.91
C LEU A 295 -7.06 4.01 -14.29
N ASP A 296 -7.54 4.08 -15.53
CA ASP A 296 -8.52 3.12 -16.01
C ASP A 296 -8.00 1.67 -16.00
N LYS A 297 -6.71 1.51 -16.25
CA LYS A 297 -6.07 0.19 -16.28
C LYS A 297 -5.71 -0.34 -14.89
N LEU A 298 -5.90 0.49 -13.86
CA LEU A 298 -5.62 0.10 -12.47
C LEU A 298 -6.90 -0.28 -11.74
N LEU A 299 -7.93 0.55 -11.92
CA LEU A 299 -9.19 0.31 -11.24
C LEU A 299 -10.12 -0.62 -12.00
N ARG A 300 -9.80 -1.91 -11.97
CA ARG A 300 -10.62 -2.93 -12.62
C ARG A 300 -11.07 -3.89 -11.51
N TYR A 301 -12.35 -4.27 -11.54
CA TYR A 301 -12.90 -5.20 -10.55
C TYR A 301 -12.04 -6.45 -10.51
N ASP A 302 -11.83 -7.06 -11.67
CA ASP A 302 -11.03 -8.27 -11.80
C ASP A 302 -9.56 -7.97 -11.54
N HIS A 303 -9.04 -8.47 -10.44
CA HIS A 303 -7.65 -8.26 -10.08
C HIS A 303 -6.63 -8.74 -11.14
N GLN A 304 -7.01 -9.77 -11.92
CA GLN A 304 -6.11 -10.33 -12.93
C GLN A 304 -5.99 -9.42 -14.15
N GLU A 305 -6.95 -8.50 -14.26
CA GLU A 305 -7.00 -7.53 -15.35
C GLU A 305 -6.11 -6.29 -15.12
N ARG A 306 -5.92 -5.91 -13.86
CA ARG A 306 -5.11 -4.75 -13.53
C ARG A 306 -3.67 -4.86 -14.03
N LEU A 307 -3.03 -3.71 -14.20
CA LEU A 307 -1.65 -3.61 -14.63
C LEU A 307 -0.81 -4.07 -13.48
N THR A 308 0.34 -4.66 -13.79
CA THR A 308 1.25 -5.10 -12.75
C THR A 308 2.12 -3.88 -12.48
N ALA A 309 2.84 -3.85 -11.35
CA ALA A 309 3.70 -2.69 -11.05
C ALA A 309 4.74 -2.45 -12.17
N LEU A 310 5.26 -3.53 -12.74
CA LEU A 310 6.23 -3.44 -13.81
C LEU A 310 5.60 -2.82 -15.08
N GLU A 311 4.38 -3.26 -15.43
CA GLU A 311 3.65 -2.73 -16.59
C GLU A 311 3.32 -1.26 -16.38
N ALA A 312 2.87 -0.95 -15.17
CA ALA A 312 2.50 0.42 -14.84
C ALA A 312 3.66 1.39 -15.10
N MET A 313 4.85 1.02 -14.68
CA MET A 313 6.05 1.86 -14.86
C MET A 313 6.40 2.19 -16.31
N THR A 314 5.96 1.36 -17.25
CA THR A 314 6.26 1.61 -18.67
C THR A 314 5.13 2.35 -19.42
N HIS A 315 4.03 2.66 -18.72
CA HIS A 315 2.90 3.38 -19.33
C HIS A 315 3.44 4.75 -19.78
N PRO A 316 3.03 5.22 -20.98
CA PRO A 316 3.46 6.51 -21.53
C PRO A 316 3.24 7.71 -20.59
N TYR A 317 2.32 7.56 -19.64
CA TYR A 317 2.07 8.62 -18.66
C TYR A 317 3.39 9.02 -17.94
N PHE A 318 4.29 8.07 -17.75
CA PHE A 318 5.55 8.35 -17.05
C PHE A 318 6.72 8.60 -18.00
N GLN A 319 6.43 8.73 -19.28
CA GLN A 319 7.44 8.94 -20.30
C GLN A 319 8.56 9.92 -19.96
N GLN A 320 8.21 11.12 -19.49
CA GLN A 320 9.25 12.12 -19.20
C GLN A 320 10.02 11.76 -17.94
N VAL A 321 9.36 11.07 -17.01
CA VAL A 321 10.01 10.66 -15.77
C VAL A 321 11.12 9.65 -16.11
N ARG A 322 10.79 8.67 -16.95
CA ARG A 322 11.77 7.67 -17.38
C ARG A 322 12.87 8.37 -18.18
N ALA A 323 12.46 9.27 -19.07
CA ALA A 323 13.43 10.01 -19.89
C ALA A 323 14.38 10.73 -18.96
N ALA A 324 13.84 11.38 -17.94
CA ALA A 324 14.67 12.10 -16.96
C ALA A 324 15.69 11.17 -16.32
N GLU A 325 15.33 9.90 -16.17
CA GLU A 325 16.22 8.90 -15.61
C GLU A 325 17.11 8.29 -16.68
#